data_3DZM
#
_entry.id   3DZM
#
_cell.length_a   166.980
_cell.length_b   166.980
_cell.length_c   98.120
_cell.angle_alpha   90.00
_cell.angle_beta   90.00
_cell.angle_gamma   120.00
#
_symmetry.space_group_name_H-M   'P 31 2 1'
#
loop_
_entity.id
_entity.type
_entity.pdbx_description
1 polymer 'Hypothetical conserved protein'
2 non-polymer 'CALCIUM ION'
3 non-polymer (HYDROXYETHYLOXY)TRI(ETHYLOXY)OCTANE
4 water water
#
_entity_poly.entity_id   1
_entity_poly.type   'polypeptide(L)'
_entity_poly.pdbx_seq_one_letter_code
;QHHHHHHAAKFSVEAGAGFYGGFGGQLAVVAEDLAPGLPLGVRLGVGFATSDALDDGYDLGGGTTWGDVKEAGKFSEWGQ
NVTLSLDVLYKPSGLGLPVEVAPYFGVRYNFFSGGYTDPEDNLTIKAQTISSNQLGLGLGVRAAYPLMPNLSLVGDLGVD
YYFQACFTRVEEDDSGNKSQSSVCPGDSGYEDVNKFVTQPEWVLKLRLGAAYRF
;
_entity_poly.pdbx_strand_id   A,B,C
#
# COMPACT_ATOMS: atom_id res chain seq x y z
N HIS A 7 10.11 18.55 8.52
CA HIS A 7 10.58 18.32 7.16
C HIS A 7 11.18 16.89 6.98
N ALA A 8 11.14 16.40 5.75
CA ALA A 8 10.43 17.07 4.66
C ALA A 8 8.96 16.63 4.63
N ALA A 9 8.74 15.35 4.93
CA ALA A 9 7.42 14.70 5.01
C ALA A 9 6.95 14.14 3.66
N LYS A 10 6.96 12.81 3.55
CA LYS A 10 6.67 12.12 2.29
C LYS A 10 5.28 11.47 2.23
N PHE A 11 4.39 12.09 1.46
CA PHE A 11 3.00 11.62 1.34
C PHE A 11 2.77 10.78 0.05
N SER A 12 2.17 9.60 0.19
CA SER A 12 1.89 8.79 -1.01
C SER A 12 0.49 8.29 -0.94
N VAL A 13 -0.04 7.91 -2.09
CA VAL A 13 -1.35 7.28 -2.11
C VAL A 13 -1.05 5.87 -2.60
N GLU A 14 -1.71 4.90 -1.97
CA GLU A 14 -1.43 3.50 -2.19
C GLU A 14 -2.73 2.78 -2.54
N ALA A 15 -2.72 2.02 -3.62
CA ALA A 15 -3.86 1.15 -3.99
C ALA A 15 -3.41 -0.30 -3.89
N GLY A 16 -4.26 -1.16 -3.36
CA GLY A 16 -3.92 -2.57 -3.35
C GLY A 16 -5.07 -3.49 -3.61
N ALA A 17 -4.76 -4.69 -4.09
CA ALA A 17 -5.80 -5.67 -4.40
C ALA A 17 -5.41 -6.99 -3.78
N GLY A 18 -6.39 -7.79 -3.42
CA GLY A 18 -6.09 -9.09 -2.85
C GLY A 18 -7.09 -9.58 -1.86
N PHE A 19 -6.60 -10.31 -0.86
CA PHE A 19 -7.53 -11.02 0.01
C PHE A 19 -7.70 -10.33 1.39
N TYR A 20 -8.96 -10.11 1.76
CA TYR A 20 -9.34 -9.65 3.08
C TYR A 20 -10.61 -10.35 3.52
N GLY A 21 -10.54 -11.66 3.67
CA GLY A 21 -11.72 -12.43 3.97
C GLY A 21 -12.61 -12.60 2.76
N GLY A 22 -12.04 -12.36 1.59
CA GLY A 22 -12.80 -12.24 0.37
C GLY A 22 -11.97 -11.41 -0.54
N PHE A 23 -12.24 -11.44 -1.85
CA PHE A 23 -11.52 -10.54 -2.77
C PHE A 23 -12.05 -9.10 -2.68
N GLY A 24 -11.17 -8.16 -2.95
CA GLY A 24 -11.53 -6.76 -2.85
C GLY A 24 -10.28 -5.95 -3.04
N GLY A 25 -10.25 -4.73 -2.50
CA GLY A 25 -9.06 -3.92 -2.61
C GLY A 25 -8.98 -2.92 -1.50
N GLN A 26 -7.91 -2.12 -1.49
CA GLN A 26 -7.86 -0.96 -0.61
C GLN A 26 -7.20 0.26 -1.21
N LEU A 27 -7.64 1.42 -0.73
CA LEU A 27 -7.01 2.71 -1.01
C LEU A 27 -6.51 3.31 0.30
N ALA A 28 -5.32 3.87 0.28
CA ALA A 28 -4.75 4.42 1.49
C ALA A 28 -3.89 5.63 1.20
N VAL A 29 -3.72 6.46 2.21
CA VAL A 29 -2.71 7.52 2.20
C VAL A 29 -1.70 7.15 3.25
N VAL A 30 -0.43 7.25 2.90
CA VAL A 30 0.69 7.00 3.81
C VAL A 30 1.51 8.25 4.00
N ALA A 31 1.99 8.46 5.22
CA ALA A 31 2.87 9.58 5.48
C ALA A 31 4.09 8.99 6.16
N GLU A 32 5.28 9.31 5.65
CA GLU A 32 6.49 8.72 6.18
C GLU A 32 7.60 9.74 6.12
N ASP A 33 8.72 9.48 6.81
CA ASP A 33 9.76 10.50 7.00
C ASP A 33 9.15 11.74 7.67
N LEU A 34 8.55 11.55 8.84
CA LEU A 34 7.74 12.60 9.45
C LEU A 34 8.64 13.55 10.21
N ALA A 35 9.90 13.15 10.30
CA ALA A 35 10.87 13.84 11.12
C ALA A 35 12.22 13.44 10.60
N PRO A 36 13.21 14.33 10.76
CA PRO A 36 14.62 14.15 10.37
C PRO A 36 15.19 12.81 10.85
N GLY A 37 15.06 12.51 12.13
CA GLY A 37 15.55 11.26 12.66
C GLY A 37 14.69 10.02 12.41
N LEU A 38 13.36 10.19 12.49
CA LEU A 38 12.41 9.09 12.65
C LEU A 38 12.14 8.20 11.43
N PRO A 39 12.01 6.90 11.68
CA PRO A 39 11.53 6.04 10.60
C PRO A 39 10.06 5.60 10.85
N LEU A 40 9.31 6.39 11.62
CA LEU A 40 7.86 6.27 11.75
C LEU A 40 7.09 6.57 10.47
N GLY A 41 5.95 5.92 10.36
CA GLY A 41 5.07 5.99 9.21
C GLY A 41 3.68 5.84 9.74
N VAL A 42 2.71 6.47 9.06
CA VAL A 42 1.30 6.32 9.37
C VAL A 42 0.56 6.05 8.07
N ARG A 43 -0.36 5.08 8.09
CA ARG A 43 -1.19 4.78 6.93
C ARG A 43 -2.67 4.80 7.33
N LEU A 44 -3.49 5.59 6.62
CA LEU A 44 -4.96 5.50 6.74
C LEU A 44 -5.48 4.89 5.47
N GLY A 45 -6.38 3.92 5.58
CA GLY A 45 -6.80 3.19 4.40
C GLY A 45 -8.22 2.74 4.49
N VAL A 46 -8.84 2.55 3.33
CA VAL A 46 -10.18 1.99 3.30
C VAL A 46 -10.19 0.78 2.42
N GLY A 47 -10.84 -0.29 2.88
CA GLY A 47 -10.96 -1.51 2.10
C GLY A 47 -12.40 -1.89 1.78
N PHE A 48 -12.62 -2.36 0.56
CA PHE A 48 -13.88 -3.02 0.20
C PHE A 48 -13.53 -4.43 -0.19
N ALA A 49 -14.32 -5.41 0.28
CA ALA A 49 -14.12 -6.80 -0.17
C ALA A 49 -15.42 -7.50 -0.14
N THR A 50 -15.56 -8.52 -0.98
CA THR A 50 -16.68 -9.45 -0.87
C THR A 50 -16.55 -10.29 0.38
N SER A 51 -17.66 -10.82 0.85
CA SER A 51 -17.62 -11.67 2.00
C SER A 51 -18.81 -12.57 1.93
N ASP A 52 -18.75 -13.65 2.68
CA ASP A 52 -19.83 -14.59 2.76
C ASP A 52 -20.69 -14.19 3.97
N ALA A 53 -22.00 -14.19 3.84
CA ALA A 53 -22.83 -13.72 4.96
C ALA A 53 -23.37 -14.79 5.92
N LEU A 54 -23.92 -15.89 5.40
CA LEU A 54 -24.36 -17.01 6.24
C LEU A 54 -23.63 -18.31 5.93
N ASP A 55 -23.18 -18.99 6.99
CA ASP A 55 -22.52 -20.29 6.92
C ASP A 55 -23.37 -21.36 6.20
N ASP A 56 -22.91 -21.81 5.02
CA ASP A 56 -23.73 -22.77 4.25
C ASP A 56 -23.94 -24.05 5.03
N GLY A 57 -23.01 -24.39 5.89
CA GLY A 57 -23.07 -25.63 6.64
C GLY A 57 -23.84 -25.57 7.94
N TYR A 58 -24.47 -24.44 8.21
CA TYR A 58 -25.24 -24.30 9.44
C TYR A 58 -26.57 -25.03 9.31
N ASP A 59 -26.92 -25.88 10.28
CA ASP A 59 -28.22 -26.56 10.21
C ASP A 59 -29.37 -25.82 10.91
N LEU A 60 -30.46 -25.68 10.17
CA LEU A 60 -31.65 -24.99 10.63
C LEU A 60 -32.76 -25.99 10.98
N GLY A 61 -32.45 -27.28 10.88
CA GLY A 61 -33.44 -28.36 10.98
C GLY A 61 -33.47 -29.05 12.33
N GLY A 62 -33.31 -30.38 12.38
CA GLY A 62 -33.09 -31.21 11.21
C GLY A 62 -31.63 -31.22 10.77
N GLY A 63 -31.28 -32.19 9.93
CA GLY A 63 -29.94 -32.18 9.36
C GLY A 63 -29.78 -31.17 8.24
N THR A 64 -30.85 -30.44 7.93
CA THR A 64 -30.91 -29.58 6.75
C THR A 64 -30.23 -28.23 6.97
N THR A 65 -29.32 -27.87 6.06
CA THR A 65 -28.46 -26.73 6.25
C THR A 65 -28.91 -25.50 5.47
N TRP A 66 -28.35 -24.33 5.79
CA TRP A 66 -28.69 -23.12 5.05
C TRP A 66 -28.25 -23.25 3.61
N GLY A 67 -27.19 -24.00 3.38
CA GLY A 67 -26.77 -24.30 2.03
C GLY A 67 -27.82 -25.11 1.29
N ASP A 68 -28.53 -25.97 2.02
CA ASP A 68 -29.56 -26.83 1.43
C ASP A 68 -30.80 -26.04 1.02
N VAL A 69 -31.29 -25.19 1.92
CA VAL A 69 -32.50 -24.40 1.65
C VAL A 69 -32.22 -23.30 0.62
N LYS A 70 -30.98 -22.87 0.56
CA LYS A 70 -30.57 -21.90 -0.44
C LYS A 70 -30.83 -22.46 -1.84
N GLU A 71 -30.44 -23.72 -2.06
CA GLU A 71 -30.68 -24.37 -3.35
C GLU A 71 -32.17 -24.56 -3.64
N ALA A 72 -32.90 -25.03 -2.62
CA ALA A 72 -34.31 -25.32 -2.73
C ALA A 72 -35.12 -24.13 -3.24
N GLY A 73 -34.84 -22.94 -2.70
CA GLY A 73 -35.56 -21.72 -3.02
C GLY A 73 -34.85 -20.76 -3.95
N LYS A 74 -33.66 -21.14 -4.41
CA LYS A 74 -32.94 -20.38 -5.43
C LYS A 74 -32.57 -18.93 -4.98
N PHE A 75 -32.35 -18.76 -3.67
CA PHE A 75 -31.99 -17.47 -3.07
C PHE A 75 -30.55 -17.03 -3.41
N SER A 76 -30.35 -15.73 -3.59
CA SER A 76 -29.03 -15.14 -3.88
C SER A 76 -28.41 -14.57 -2.62
N GLU A 77 -27.25 -15.10 -2.23
CA GLU A 77 -26.52 -14.59 -1.08
C GLU A 77 -25.53 -13.54 -1.54
N TRP A 78 -25.28 -12.55 -0.68
CA TRP A 78 -24.29 -11.54 -0.97
C TRP A 78 -23.72 -11.07 0.39
N GLY A 79 -22.49 -10.57 0.42
CA GLY A 79 -21.90 -10.06 1.64
C GLY A 79 -20.78 -9.11 1.35
N GLN A 80 -20.54 -8.14 2.21
CA GLN A 80 -19.38 -7.28 2.01
C GLN A 80 -18.79 -6.78 3.32
N ASN A 81 -17.50 -6.38 3.29
CA ASN A 81 -16.85 -5.67 4.40
C ASN A 81 -16.28 -4.41 3.88
N VAL A 82 -16.57 -3.31 4.59
CA VAL A 82 -15.90 -2.04 4.38
C VAL A 82 -15.11 -1.78 5.67
N THR A 83 -13.82 -1.50 5.53
CA THR A 83 -12.88 -1.49 6.64
C THR A 83 -12.07 -0.23 6.64
N LEU A 84 -12.23 0.57 7.70
CA LEU A 84 -11.41 1.77 7.89
C LEU A 84 -10.32 1.37 8.83
N SER A 85 -9.11 1.73 8.47
CA SER A 85 -7.97 1.30 9.24
C SER A 85 -6.92 2.42 9.45
N LEU A 86 -6.24 2.37 10.58
CA LEU A 86 -5.09 3.22 10.84
C LEU A 86 -3.93 2.35 11.32
N ASP A 87 -2.77 2.50 10.68
CA ASP A 87 -1.57 1.73 11.02
C ASP A 87 -0.42 2.63 11.35
N VAL A 88 0.27 2.34 12.44
CA VAL A 88 1.58 2.90 12.69
C VAL A 88 2.61 1.92 12.16
N LEU A 89 3.50 2.41 11.29
CA LEU A 89 4.57 1.63 10.66
C LEU A 89 5.91 2.06 11.20
N TYR A 90 6.81 1.11 11.42
CA TYR A 90 8.20 1.45 11.74
C TYR A 90 9.16 0.86 10.71
N LYS A 91 10.10 1.63 10.19
CA LYS A 91 11.07 1.09 9.19
C LYS A 91 12.47 0.91 9.72
N PRO A 92 12.88 -0.34 9.96
CA PRO A 92 14.25 -0.59 10.46
C PRO A 92 15.34 0.06 9.59
N SER A 93 16.39 0.62 10.19
CA SER A 93 17.51 1.18 9.43
C SER A 93 18.59 0.14 9.11
N GLY A 94 19.47 0.48 8.16
CA GLY A 94 20.53 -0.41 7.72
C GLY A 94 19.99 -1.82 7.59
N LEU A 95 18.91 -1.96 6.82
CA LEU A 95 18.14 -3.21 6.77
C LEU A 95 18.99 -4.47 6.98
N GLY A 96 19.90 -4.81 6.05
CA GLY A 96 20.12 -4.09 4.81
C GLY A 96 19.61 -4.89 3.61
N LEU A 97 18.39 -4.57 3.17
CA LEU A 97 17.75 -5.30 2.08
C LEU A 97 17.40 -4.36 0.94
N PRO A 98 17.17 -4.91 -0.27
CA PRO A 98 16.78 -4.09 -1.43
C PRO A 98 15.30 -3.71 -1.26
N VAL A 99 14.59 -4.50 -0.48
CA VAL A 99 13.21 -4.23 -0.14
C VAL A 99 13.09 -3.60 1.25
N GLU A 100 12.34 -2.52 1.35
CA GLU A 100 11.95 -2.00 2.65
C GLU A 100 10.83 -2.86 3.31
N VAL A 101 11.03 -3.33 4.54
CA VAL A 101 9.97 -4.03 5.30
C VAL A 101 9.60 -3.27 6.55
N ALA A 102 8.31 -2.94 6.71
CA ALA A 102 7.82 -2.13 7.83
C ALA A 102 6.87 -3.05 8.58
N PRO A 103 7.22 -3.46 9.80
CA PRO A 103 6.22 -3.95 10.75
C PRO A 103 5.18 -2.89 11.07
N TYR A 104 3.94 -3.28 11.22
CA TYR A 104 2.94 -2.28 11.62
C TYR A 104 1.97 -2.93 12.56
N PHE A 105 1.37 -2.09 13.40
CA PHE A 105 0.19 -2.45 14.17
C PHE A 105 -0.91 -1.38 14.00
N GLY A 106 -2.14 -1.76 14.18
CA GLY A 106 -3.16 -0.74 14.11
C GLY A 106 -4.53 -1.10 14.61
N VAL A 107 -5.42 -0.12 14.48
CA VAL A 107 -6.80 -0.20 14.87
C VAL A 107 -7.67 -0.25 13.59
N ARG A 108 -8.82 -0.90 13.64
CA ARG A 108 -9.74 -1.00 12.47
C ARG A 108 -11.19 -0.74 12.87
N TYR A 109 -11.97 -0.26 11.91
CA TYR A 109 -13.41 -0.18 12.06
C TYR A 109 -14.04 -0.79 10.83
N ASN A 110 -14.78 -1.87 11.02
CA ASN A 110 -15.42 -2.57 9.91
C ASN A 110 -16.93 -2.43 9.82
N PHE A 111 -17.40 -2.25 8.60
CA PHE A 111 -18.83 -2.29 8.31
C PHE A 111 -19.15 -3.55 7.54
N PHE A 112 -19.68 -4.54 8.24
CA PHE A 112 -20.14 -5.78 7.63
C PHE A 112 -21.61 -5.75 7.28
N SER A 113 -21.94 -6.35 6.15
CA SER A 113 -23.33 -6.53 5.75
C SER A 113 -23.55 -7.57 4.65
N GLY A 114 -24.61 -8.35 4.78
CA GLY A 114 -25.04 -9.20 3.69
C GLY A 114 -26.40 -9.79 3.98
N GLY A 115 -26.71 -10.85 3.28
CA GLY A 115 -27.99 -11.55 3.42
C GLY A 115 -28.34 -12.19 2.10
N TYR A 116 -29.62 -12.35 1.83
CA TYR A 116 -30.06 -12.96 0.57
C TYR A 116 -31.27 -12.25 -0.05
N THR A 117 -31.43 -12.43 -1.35
CA THR A 117 -32.62 -11.93 -2.02
C THR A 117 -33.35 -13.11 -2.59
N ASP A 118 -34.62 -12.87 -2.89
CA ASP A 118 -35.51 -13.91 -3.33
C ASP A 118 -35.98 -13.61 -4.75
N PRO A 119 -35.10 -13.89 -5.75
CA PRO A 119 -35.35 -13.59 -7.16
C PRO A 119 -36.39 -14.53 -7.74
N GLU A 120 -36.76 -15.54 -6.93
CA GLU A 120 -37.87 -16.47 -7.19
C GLU A 120 -37.38 -17.84 -7.73
N ASP A 121 -38.12 -18.92 -7.44
CA ASP A 121 -39.49 -18.87 -6.91
C ASP A 121 -39.65 -18.69 -5.37
N ASN A 122 -40.50 -19.53 -4.77
CA ASN A 122 -40.95 -19.47 -3.36
C ASN A 122 -40.69 -18.22 -2.47
N LEU A 123 -40.86 -18.42 -1.15
CA LEU A 123 -40.51 -17.46 -0.06
C LEU A 123 -41.08 -16.04 -0.14
N THR A 124 -42.18 -15.75 0.57
CA THR A 124 -43.09 -14.70 0.12
C THR A 124 -42.49 -14.22 -1.21
N ILE A 125 -41.88 -13.05 -1.20
CA ILE A 125 -40.81 -12.65 -2.13
C ILE A 125 -40.23 -11.41 -1.48
N LYS A 126 -38.91 -11.24 -1.47
CA LYS A 126 -38.36 -10.12 -0.71
C LYS A 126 -36.81 -10.05 -0.64
N ALA A 127 -36.32 -9.76 0.56
CA ALA A 127 -34.90 -9.50 0.82
C ALA A 127 -34.68 -9.49 2.31
N GLN A 128 -33.59 -10.10 2.74
CA GLN A 128 -33.22 -10.02 4.14
C GLN A 128 -31.74 -9.63 4.30
N THR A 129 -31.47 -8.72 5.22
CA THR A 129 -30.13 -8.16 5.34
C THR A 129 -29.72 -8.09 6.78
N ILE A 130 -28.52 -8.49 7.08
CA ILE A 130 -27.95 -8.34 8.41
C ILE A 130 -26.69 -7.47 8.39
N SER A 131 -26.38 -6.81 9.51
CA SER A 131 -25.30 -5.82 9.60
C SER A 131 -24.60 -5.87 10.97
N SER A 132 -23.30 -5.59 10.98
CA SER A 132 -22.56 -5.46 12.22
C SER A 132 -21.44 -4.48 12.02
N ASN A 133 -21.29 -3.53 12.93
CA ASN A 133 -20.15 -2.61 12.90
C ASN A 133 -19.18 -2.95 14.00
N GLN A 134 -17.94 -3.29 13.65
CA GLN A 134 -17.03 -3.78 14.66
C GLN A 134 -15.75 -3.03 14.77
N LEU A 135 -15.23 -3.00 15.98
CA LEU A 135 -13.94 -2.43 16.27
C LEU A 135 -12.92 -3.58 16.19
N GLY A 136 -11.84 -3.40 15.45
CA GLY A 136 -10.78 -4.40 15.37
C GLY A 136 -9.34 -3.95 15.70
N LEU A 137 -8.48 -4.92 15.97
CA LEU A 137 -7.04 -4.67 16.10
C LEU A 137 -6.28 -5.56 15.19
N GLY A 138 -5.08 -5.13 14.83
CA GLY A 138 -4.29 -5.93 13.92
C GLY A 138 -2.83 -5.56 13.80
N LEU A 139 -2.15 -6.45 13.10
CA LEU A 139 -0.69 -6.58 13.08
C LEU A 139 -0.32 -6.91 11.62
N GLY A 140 0.83 -6.47 11.16
CA GLY A 140 1.25 -6.95 9.85
C GLY A 140 2.59 -6.44 9.42
N VAL A 141 3.04 -6.91 8.26
CA VAL A 141 4.22 -6.34 7.62
C VAL A 141 3.89 -5.78 6.25
N ARG A 142 4.51 -4.64 5.95
CA ARG A 142 4.40 -3.98 4.65
C ARG A 142 5.75 -3.95 3.95
N ALA A 143 5.83 -4.59 2.78
CA ALA A 143 7.06 -4.56 1.97
C ALA A 143 6.93 -3.56 0.82
N ALA A 144 7.94 -2.71 0.65
CA ALA A 144 7.93 -1.77 -0.48
C ALA A 144 9.21 -1.89 -1.30
N TYR A 145 9.06 -1.94 -2.63
CA TYR A 145 10.18 -1.99 -3.56
C TYR A 145 10.08 -0.88 -4.59
N PRO A 146 11.09 0.01 -4.68
CA PRO A 146 11.15 1.11 -5.66
C PRO A 146 11.19 0.64 -7.10
N LEU A 147 10.22 1.03 -7.91
CA LEU A 147 10.08 0.50 -9.26
C LEU A 147 10.50 1.53 -10.30
N MET A 148 9.85 2.69 -10.27
CA MET A 148 10.12 3.80 -11.17
C MET A 148 10.14 5.07 -10.31
N PRO A 149 10.40 6.23 -10.93
CA PRO A 149 10.26 7.51 -10.23
C PRO A 149 8.90 7.67 -9.55
N ASN A 150 8.89 7.75 -8.21
CA ASN A 150 7.68 8.05 -7.44
C ASN A 150 6.70 6.90 -7.36
N LEU A 151 7.17 5.70 -7.72
CA LEU A 151 6.30 4.54 -7.77
C LEU A 151 6.99 3.33 -7.17
N SER A 152 6.37 2.68 -6.19
CA SER A 152 6.91 1.41 -5.69
C SER A 152 5.87 0.32 -5.65
N LEU A 153 6.35 -0.90 -5.84
CA LEU A 153 5.57 -2.09 -5.61
C LEU A 153 5.40 -2.26 -4.10
N VAL A 154 4.19 -2.60 -3.67
CA VAL A 154 3.92 -2.78 -2.25
C VAL A 154 3.25 -4.12 -1.98
N GLY A 155 3.78 -4.86 -1.01
CA GLY A 155 3.21 -6.12 -0.56
C GLY A 155 2.76 -5.96 0.88
N ASP A 156 1.61 -6.55 1.20
CA ASP A 156 1.10 -6.40 2.54
C ASP A 156 0.47 -7.69 3.04
N LEU A 157 1.01 -8.22 4.14
CA LEU A 157 0.41 -9.34 4.86
C LEU A 157 0.13 -8.99 6.31
N GLY A 158 -1.12 -9.17 6.74
CA GLY A 158 -1.47 -8.95 8.13
C GLY A 158 -2.62 -9.77 8.63
N VAL A 159 -2.89 -9.69 9.93
CA VAL A 159 -4.01 -10.42 10.55
C VAL A 159 -4.71 -9.44 11.44
N ASP A 160 -6.05 -9.45 11.42
CA ASP A 160 -6.85 -8.52 12.22
C ASP A 160 -7.77 -9.35 13.06
N TYR A 161 -8.06 -8.88 14.26
CA TYR A 161 -9.09 -9.51 15.07
C TYR A 161 -10.22 -8.51 15.33
N TYR A 162 -11.47 -8.95 15.16
CA TYR A 162 -12.64 -8.13 15.49
C TYR A 162 -13.47 -8.63 16.67
N PHE A 163 -13.81 -7.70 17.56
CA PHE A 163 -14.71 -7.97 18.67
C PHE A 163 -16.16 -8.07 18.22
N GLN A 164 -16.85 -9.10 18.67
CA GLN A 164 -18.27 -9.23 18.39
C GLN A 164 -19.04 -8.01 18.87
N ALA A 165 -19.98 -7.61 18.03
CA ALA A 165 -20.81 -6.45 18.24
C ALA A 165 -22.28 -6.82 18.05
N CYS A 166 -23.15 -5.83 18.11
CA CYS A 166 -24.57 -6.09 17.86
C CYS A 166 -24.80 -6.41 16.38
N PHE A 167 -25.88 -7.13 16.10
CA PHE A 167 -26.35 -7.36 14.73
C PHE A 167 -27.66 -6.65 14.47
N THR A 168 -27.85 -6.14 13.26
CA THR A 168 -29.11 -5.48 12.90
C THR A 168 -29.70 -6.16 11.67
N ARG A 169 -30.89 -6.74 11.80
CA ARG A 169 -31.60 -7.39 10.68
C ARG A 169 -32.67 -6.46 10.04
N VAL A 170 -32.74 -6.44 8.73
CA VAL A 170 -33.82 -5.75 8.02
C VAL A 170 -34.44 -6.68 6.99
N GLU A 171 -35.72 -7.02 7.17
CA GLU A 171 -36.51 -7.74 6.16
C GLU A 171 -37.30 -6.72 5.35
N GLU A 172 -37.46 -6.95 4.05
CA GLU A 172 -38.35 -6.14 3.23
C GLU A 172 -39.32 -7.00 2.44
N ASP A 173 -40.62 -6.72 2.54
CA ASP A 173 -41.67 -7.42 1.77
C ASP A 173 -41.79 -6.92 0.34
N ASP A 174 -42.73 -7.49 -0.40
CA ASP A 174 -42.97 -7.13 -1.79
C ASP A 174 -43.72 -5.81 -1.93
N SER A 175 -44.65 -5.58 -1.01
CA SER A 175 -45.41 -4.34 -0.93
C SER A 175 -44.50 -3.20 -0.54
N GLY A 176 -43.30 -3.55 -0.07
CA GLY A 176 -42.28 -2.58 0.27
C GLY A 176 -42.16 -2.32 1.77
N ASN A 177 -42.93 -3.07 2.56
CA ASN A 177 -42.96 -2.88 4.00
C ASN A 177 -41.69 -3.38 4.64
N LYS A 178 -41.20 -2.68 5.66
CA LYS A 178 -39.91 -3.02 6.25
C LYS A 178 -40.01 -3.31 7.72
N SER A 179 -39.21 -4.29 8.13
CA SER A 179 -39.12 -4.64 9.53
C SER A 179 -37.67 -4.51 9.94
N GLN A 180 -37.44 -4.14 11.19
CA GLN A 180 -36.07 -4.11 11.70
C GLN A 180 -35.93 -4.57 13.14
N SER A 181 -34.80 -5.19 13.46
CA SER A 181 -34.53 -5.69 14.81
C SER A 181 -33.04 -5.86 15.01
N SER A 182 -32.64 -6.20 16.23
CA SER A 182 -31.23 -6.30 16.55
C SER A 182 -31.00 -7.18 17.74
N VAL A 183 -29.93 -7.95 17.72
CA VAL A 183 -29.55 -8.74 18.88
C VAL A 183 -28.20 -8.27 19.34
N CYS A 184 -28.01 -8.27 20.64
CA CYS A 184 -26.72 -7.89 21.18
C CYS A 184 -26.07 -9.05 21.93
N PRO A 185 -24.76 -8.94 22.17
CA PRO A 185 -24.19 -9.83 23.18
C PRO A 185 -24.49 -9.12 24.48
N GLY A 186 -25.19 -9.76 25.40
CA GLY A 186 -25.71 -11.09 25.22
C GLY A 186 -27.21 -11.17 25.47
N ASP A 187 -27.98 -10.86 24.44
CA ASP A 187 -29.43 -11.07 24.44
C ASP A 187 -29.70 -12.54 24.15
N SER A 188 -30.97 -12.86 23.96
CA SER A 188 -31.36 -14.25 23.92
C SER A 188 -30.66 -15.00 22.81
N GLY A 189 -31.05 -14.74 21.58
CA GLY A 189 -30.59 -15.59 20.49
C GLY A 189 -29.27 -15.18 19.87
N TYR A 190 -28.39 -14.55 20.66
CA TYR A 190 -27.18 -13.98 20.07
C TYR A 190 -26.18 -15.04 19.64
N GLU A 191 -25.94 -16.01 20.51
CA GLU A 191 -25.05 -17.12 20.24
C GLU A 191 -25.37 -17.81 18.93
N ASP A 192 -26.66 -18.08 18.74
CA ASP A 192 -27.13 -18.73 17.51
C ASP A 192 -26.90 -17.83 16.32
N VAL A 193 -27.41 -16.60 16.37
CA VAL A 193 -27.17 -15.65 15.29
C VAL A 193 -25.69 -15.60 14.94
N ASN A 194 -24.85 -15.55 15.96
CA ASN A 194 -23.42 -15.38 15.73
C ASN A 194 -22.74 -16.60 15.08
N LYS A 195 -23.26 -17.80 15.32
CA LYS A 195 -22.70 -19.00 14.72
C LYS A 195 -23.02 -19.08 13.24
N PHE A 196 -24.14 -18.46 12.87
CA PHE A 196 -24.71 -18.60 11.56
C PHE A 196 -24.17 -17.48 10.66
N VAL A 197 -24.06 -16.29 11.24
CA VAL A 197 -23.63 -15.12 10.50
C VAL A 197 -22.10 -15.05 10.46
N THR A 198 -21.62 -14.82 9.26
CA THR A 198 -20.23 -14.94 8.90
C THR A 198 -19.55 -13.57 8.97
N GLN A 199 -19.85 -12.78 9.99
CA GLN A 199 -19.16 -11.50 10.11
C GLN A 199 -17.71 -11.74 10.54
N PRO A 200 -16.86 -10.73 10.41
CA PRO A 200 -15.45 -10.92 10.74
C PRO A 200 -15.20 -11.33 12.16
N GLU A 201 -14.20 -12.18 12.32
CA GLU A 201 -13.59 -12.41 13.61
C GLU A 201 -12.05 -12.34 13.42
N TRP A 202 -11.46 -13.41 12.91
CA TRP A 202 -10.07 -13.35 12.51
C TRP A 202 -10.00 -13.14 11.00
N VAL A 203 -9.17 -12.22 10.56
CA VAL A 203 -9.08 -11.96 9.14
C VAL A 203 -7.63 -11.96 8.70
N LEU A 204 -7.30 -12.87 7.78
CA LEU A 204 -6.03 -12.79 7.04
C LEU A 204 -6.05 -11.73 5.93
N LYS A 205 -5.06 -10.85 5.91
CA LYS A 205 -4.99 -9.84 4.88
C LYS A 205 -3.74 -10.08 4.06
N LEU A 206 -3.94 -10.20 2.76
CA LEU A 206 -2.86 -10.45 1.79
C LEU A 206 -3.07 -9.62 0.51
N ARG A 207 -2.33 -8.52 0.35
CA ARG A 207 -2.53 -7.63 -0.80
C ARG A 207 -1.25 -7.30 -1.59
N LEU A 208 -1.38 -7.19 -2.92
CA LEU A 208 -0.36 -6.57 -3.79
C LEU A 208 -0.90 -5.26 -4.30
N GLY A 209 -0.03 -4.27 -4.45
CA GLY A 209 -0.44 -2.97 -4.90
C GLY A 209 0.72 -2.07 -5.18
N ALA A 210 0.45 -0.78 -5.37
CA ALA A 210 1.47 0.18 -5.73
C ALA A 210 1.26 1.45 -4.96
N ALA A 211 2.34 2.20 -4.71
CA ALA A 211 2.22 3.49 -4.05
C ALA A 211 2.89 4.56 -4.87
N TYR A 212 2.18 5.67 -5.06
CA TYR A 212 2.66 6.78 -5.85
C TYR A 212 3.00 7.93 -4.91
N ARG A 213 4.26 8.37 -4.92
CA ARG A 213 4.71 9.43 -4.01
C ARG A 213 4.35 10.82 -4.47
N PHE A 214 4.47 11.78 -3.57
CA PHE A 214 4.44 13.23 -3.86
C PHE A 214 4.52 14.07 -2.57
N HIS B 7 -4.37 5.46 -35.72
CA HIS B 7 -3.77 4.26 -35.15
C HIS B 7 -4.53 3.95 -33.87
N ALA B 8 -4.32 4.78 -32.84
CA ALA B 8 -5.01 4.66 -31.56
C ALA B 8 -4.45 3.55 -30.66
N ALA B 9 -3.26 3.05 -31.01
CA ALA B 9 -2.58 2.01 -30.23
C ALA B 9 -2.09 2.54 -28.88
N LYS B 10 -2.25 1.71 -27.85
CA LYS B 10 -1.86 2.08 -26.51
C LYS B 10 -0.45 1.63 -26.21
N PHE B 11 0.34 2.52 -25.62
CA PHE B 11 1.68 2.16 -25.21
C PHE B 11 1.80 2.29 -23.71
N SER B 12 2.38 1.29 -23.06
CA SER B 12 2.75 1.42 -21.63
C SER B 12 4.23 1.14 -21.42
N VAL B 13 4.81 1.84 -20.45
CA VAL B 13 6.09 1.45 -19.88
C VAL B 13 5.78 0.53 -18.73
N GLU B 14 6.45 -0.62 -18.70
CA GLU B 14 6.26 -1.58 -17.62
C GLU B 14 7.59 -1.83 -16.92
N ALA B 15 7.55 -1.98 -15.61
CA ALA B 15 8.76 -2.30 -14.85
C ALA B 15 8.47 -3.42 -13.88
N GLY B 16 9.32 -4.44 -13.87
CA GLY B 16 9.15 -5.48 -12.87
C GLY B 16 10.44 -6.03 -12.29
N ALA B 17 10.30 -6.65 -11.13
CA ALA B 17 11.39 -7.15 -10.30
C ALA B 17 11.09 -8.60 -9.99
N GLY B 18 12.11 -9.44 -9.94
CA GLY B 18 11.80 -10.78 -9.51
C GLY B 18 12.89 -11.74 -9.89
N PHE B 19 12.51 -12.98 -10.12
CA PHE B 19 13.45 -14.04 -10.48
C PHE B 19 13.53 -14.28 -11.99
N TYR B 20 14.75 -14.38 -12.48
CA TYR B 20 15.08 -14.79 -13.85
C TYR B 20 16.41 -15.58 -13.78
N GLY B 21 16.37 -16.74 -13.13
CA GLY B 21 17.54 -17.51 -12.81
C GLY B 21 18.60 -16.68 -12.11
N GLY B 22 18.24 -16.08 -10.99
CA GLY B 22 18.92 -14.88 -10.50
C GLY B 22 17.92 -13.79 -10.15
N PHE B 23 18.32 -12.85 -9.30
CA PHE B 23 17.41 -11.76 -8.98
C PHE B 23 17.74 -10.49 -9.74
N GLY B 24 16.68 -9.81 -10.14
CA GLY B 24 16.84 -8.53 -10.78
C GLY B 24 15.50 -8.02 -11.26
N GLY B 25 15.50 -7.54 -12.50
CA GLY B 25 14.30 -6.98 -13.06
C GLY B 25 14.35 -6.72 -14.53
N GLN B 26 13.26 -6.14 -15.00
CA GLN B 26 13.03 -5.89 -16.42
C GLN B 26 12.33 -4.56 -16.62
N LEU B 27 12.72 -3.86 -17.68
CA LEU B 27 12.09 -2.64 -18.12
C LEU B 27 11.61 -2.89 -19.56
N ALA B 28 10.35 -2.56 -19.84
CA ALA B 28 9.72 -2.87 -21.13
C ALA B 28 8.74 -1.84 -21.60
N VAL B 29 8.57 -1.82 -22.90
CA VAL B 29 7.45 -1.15 -23.52
C VAL B 29 6.43 -2.21 -24.00
N VAL B 30 5.16 -1.97 -23.74
CA VAL B 30 4.12 -2.87 -24.23
C VAL B 30 3.22 -2.08 -25.16
N ALA B 31 2.85 -2.65 -26.29
CA ALA B 31 1.99 -2.00 -27.28
C ALA B 31 0.75 -2.85 -27.49
N GLU B 32 -0.42 -2.29 -27.19
CA GLU B 32 -1.64 -3.06 -27.25
C GLU B 32 -2.55 -2.48 -28.29
N ASP B 33 -3.55 -3.27 -28.68
CA ASP B 33 -4.59 -2.82 -29.61
C ASP B 33 -3.94 -2.17 -30.80
N LEU B 34 -3.16 -2.97 -31.52
CA LEU B 34 -2.35 -2.45 -32.62
C LEU B 34 -3.23 -2.08 -33.80
N ALA B 35 -4.06 -3.04 -34.21
CA ALA B 35 -5.06 -2.88 -35.26
C ALA B 35 -6.45 -2.74 -34.63
N PRO B 36 -7.45 -2.39 -35.46
CA PRO B 36 -8.86 -2.21 -35.06
C PRO B 36 -9.52 -3.43 -34.37
N GLY B 37 -9.40 -4.62 -34.95
CA GLY B 37 -9.98 -5.82 -34.36
C GLY B 37 -8.97 -6.87 -33.88
N LEU B 38 -7.68 -6.56 -34.00
CA LEU B 38 -6.62 -7.52 -33.76
C LEU B 38 -6.20 -7.69 -32.29
N PRO B 39 -6.29 -8.93 -31.78
CA PRO B 39 -5.96 -9.27 -30.39
C PRO B 39 -4.49 -9.64 -30.26
N LEU B 40 -3.62 -8.65 -30.51
CA LEU B 40 -2.20 -8.85 -30.46
C LEU B 40 -1.67 -7.72 -29.60
N GLY B 41 -0.56 -7.96 -28.92
CA GLY B 41 0.14 -6.93 -28.20
C GLY B 41 1.57 -7.34 -28.33
N VAL B 42 2.51 -6.40 -28.17
CA VAL B 42 3.90 -6.85 -28.17
C VAL B 42 4.59 -6.17 -27.05
N ARG B 43 5.45 -6.94 -26.37
CA ARG B 43 6.29 -6.39 -25.34
C ARG B 43 7.74 -6.49 -25.75
N LEU B 44 8.46 -5.38 -25.59
CA LEU B 44 9.89 -5.39 -25.86
C LEU B 44 10.58 -4.97 -24.58
N GLY B 45 11.44 -5.85 -24.05
CA GLY B 45 11.98 -5.65 -22.71
C GLY B 45 13.48 -5.86 -22.57
N VAL B 46 14.10 -5.04 -21.75
CA VAL B 46 15.49 -5.31 -21.41
C VAL B 46 15.56 -5.74 -19.93
N GLY B 47 16.31 -6.80 -19.65
CA GLY B 47 16.38 -7.34 -18.30
C GLY B 47 17.78 -7.46 -17.73
N PHE B 48 17.92 -7.24 -16.43
CA PHE B 48 19.19 -7.46 -15.75
C PHE B 48 18.95 -8.36 -14.57
N ALA B 49 19.76 -9.40 -14.43
CA ALA B 49 19.69 -10.26 -13.23
C ALA B 49 21.07 -10.82 -12.86
N THR B 50 21.34 -10.89 -11.56
CA THR B 50 22.55 -11.54 -11.05
C THR B 50 22.46 -12.99 -11.38
N SER B 51 23.58 -13.67 -11.31
CA SER B 51 23.58 -15.05 -11.75
C SER B 51 24.83 -15.80 -11.29
N ASP B 52 24.71 -17.10 -11.22
CA ASP B 52 25.82 -18.01 -10.95
C ASP B 52 26.74 -18.03 -12.18
N ALA B 53 28.04 -18.25 -12.00
CA ALA B 53 28.90 -18.35 -13.17
C ALA B 53 29.50 -19.74 -13.35
N LEU B 54 30.08 -20.26 -12.27
CA LEU B 54 30.77 -21.55 -12.23
C LEU B 54 30.04 -22.46 -11.25
N ASP B 55 29.69 -23.66 -11.70
CA ASP B 55 28.98 -24.64 -10.86
C ASP B 55 29.91 -25.10 -9.72
N ASP B 56 29.76 -24.44 -8.59
CA ASP B 56 30.61 -24.73 -7.47
C ASP B 56 29.80 -25.65 -6.59
N GLY B 57 30.14 -26.92 -6.49
CA GLY B 57 31.35 -27.51 -6.98
C GLY B 57 31.03 -28.52 -8.06
N TYR B 58 31.65 -28.28 -9.22
CA TYR B 58 31.79 -29.22 -10.32
C TYR B 58 33.08 -29.93 -9.98
N ASP B 59 33.18 -31.21 -10.31
CA ASP B 59 34.38 -31.98 -10.00
C ASP B 59 35.57 -31.52 -10.84
N LEU B 60 36.66 -31.16 -10.16
CA LEU B 60 37.92 -30.81 -10.83
C LEU B 60 39.03 -31.86 -10.62
N GLY B 61 39.00 -32.53 -9.47
CA GLY B 61 40.09 -33.41 -9.04
C GLY B 61 39.94 -34.90 -9.31
N GLY B 62 39.95 -35.71 -8.26
CA GLY B 62 40.22 -35.22 -6.93
C GLY B 62 38.99 -35.37 -6.07
N GLY B 63 37.83 -35.31 -6.74
CA GLY B 63 36.57 -35.25 -6.03
C GLY B 63 36.45 -33.89 -5.39
N THR B 64 37.44 -33.04 -5.71
CA THR B 64 37.52 -31.68 -5.19
C THR B 64 36.75 -30.74 -6.12
N THR B 65 35.90 -29.91 -5.52
CA THR B 65 35.01 -29.10 -6.31
C THR B 65 35.49 -27.66 -6.47
N TRP B 66 34.87 -26.92 -7.39
CA TRP B 66 35.10 -25.49 -7.51
C TRP B 66 34.71 -24.76 -6.21
N GLY B 67 33.62 -25.20 -5.57
CA GLY B 67 33.29 -24.70 -4.24
C GLY B 67 34.45 -24.85 -3.25
N ASP B 68 35.13 -25.99 -3.32
CA ASP B 68 36.28 -26.25 -2.45
C ASP B 68 37.46 -25.29 -2.67
N VAL B 69 37.80 -25.01 -3.93
CA VAL B 69 38.97 -24.16 -4.21
C VAL B 69 38.63 -22.69 -4.10
N LYS B 70 37.41 -22.32 -4.45
CA LYS B 70 36.99 -20.92 -4.29
C LYS B 70 37.05 -20.56 -2.79
N GLU B 71 36.83 -21.55 -1.93
CA GLU B 71 36.99 -21.40 -0.48
C GLU B 71 38.47 -21.19 -0.08
N ALA B 72 39.28 -22.23 -0.30
CA ALA B 72 40.72 -22.19 -0.06
C ALA B 72 41.43 -20.93 -0.58
N GLY B 73 41.00 -20.46 -1.76
CA GLY B 73 41.67 -19.40 -2.47
C GLY B 73 41.09 -18.05 -2.13
N LYS B 74 39.90 -18.06 -1.54
CA LYS B 74 39.12 -16.85 -1.23
C LYS B 74 38.67 -16.03 -2.45
N PHE B 75 38.49 -16.70 -3.58
CA PHE B 75 38.08 -16.02 -4.82
C PHE B 75 36.67 -15.45 -4.76
N SER B 76 36.45 -14.28 -5.35
CA SER B 76 35.12 -13.71 -5.46
C SER B 76 34.50 -14.18 -6.77
N GLU B 77 33.28 -14.70 -6.73
CA GLU B 77 32.61 -15.10 -7.96
C GLU B 77 31.50 -14.12 -8.26
N TRP B 78 31.35 -13.79 -9.52
CA TRP B 78 30.26 -12.92 -9.94
C TRP B 78 29.64 -13.47 -11.25
N GLY B 79 28.39 -13.11 -11.52
CA GLY B 79 27.72 -13.54 -12.73
C GLY B 79 26.54 -12.65 -13.00
N GLN B 80 26.22 -12.47 -14.27
CA GLN B 80 25.06 -11.67 -14.64
C GLN B 80 24.51 -12.05 -16.02
N ASN B 81 23.21 -11.83 -16.19
CA ASN B 81 22.52 -11.95 -17.47
C ASN B 81 21.84 -10.64 -17.79
N VAL B 82 22.23 -10.01 -18.88
CA VAL B 82 21.46 -8.95 -19.54
C VAL B 82 20.68 -9.52 -20.75
N THR B 83 19.36 -9.33 -20.73
CA THR B 83 18.44 -9.94 -21.71
C THR B 83 17.57 -8.99 -22.56
N LEU B 84 17.55 -9.16 -23.88
CA LEU B 84 16.50 -8.57 -24.71
C LEU B 84 15.45 -9.62 -24.94
N SER B 85 14.21 -9.20 -24.82
CA SER B 85 13.09 -10.08 -24.88
C SER B 85 12.03 -9.45 -25.78
N LEU B 86 11.55 -10.19 -26.76
CA LEU B 86 10.44 -9.71 -27.58
C LEU B 86 9.28 -10.67 -27.48
N ASP B 87 8.15 -10.23 -26.94
CA ASP B 87 7.01 -11.12 -26.72
C ASP B 87 5.76 -10.75 -27.53
N VAL B 88 5.15 -11.75 -28.14
CA VAL B 88 3.87 -11.61 -28.77
C VAL B 88 2.80 -12.04 -27.76
N LEU B 89 2.01 -11.08 -27.30
CA LEU B 89 0.97 -11.34 -26.34
C LEU B 89 -0.32 -11.56 -27.08
N TYR B 90 -0.91 -12.73 -26.93
CA TYR B 90 -2.24 -12.86 -27.49
C TYR B 90 -3.31 -12.72 -26.42
N LYS B 91 -4.06 -11.62 -26.52
CA LYS B 91 -5.13 -11.25 -25.60
C LYS B 91 -6.30 -12.25 -25.47
N PRO B 92 -6.92 -12.29 -24.28
CA PRO B 92 -8.05 -13.15 -23.92
C PRO B 92 -9.41 -12.60 -24.38
N LEU B 97 -12.09 -13.19 -15.02
CA LEU B 97 -12.04 -12.19 -16.09
C LEU B 97 -11.87 -10.74 -15.60
N PRO B 98 -12.09 -10.47 -14.30
CA PRO B 98 -11.72 -9.14 -13.78
C PRO B 98 -10.22 -8.86 -14.00
N VAL B 99 -9.39 -9.84 -13.66
CA VAL B 99 -7.98 -9.77 -13.96
C VAL B 99 -7.74 -10.29 -15.39
N GLU B 100 -6.97 -9.54 -16.17
CA GLU B 100 -6.67 -9.94 -17.55
C GLU B 100 -5.35 -10.74 -17.64
N VAL B 101 -5.45 -12.01 -17.99
CA VAL B 101 -4.28 -12.84 -18.24
C VAL B 101 -4.12 -13.18 -19.71
N ALA B 102 -2.91 -12.98 -20.22
CA ALA B 102 -2.61 -13.22 -21.61
C ALA B 102 -1.41 -14.15 -21.69
N PRO B 103 -1.56 -15.27 -22.37
CA PRO B 103 -0.39 -16.08 -22.72
C PRO B 103 0.53 -15.32 -23.72
N TYR B 104 1.80 -15.71 -23.79
CA TYR B 104 2.67 -15.17 -24.81
C TYR B 104 3.78 -16.13 -25.14
N PHE B 105 4.41 -15.91 -26.28
CA PHE B 105 5.66 -16.57 -26.59
C PHE B 105 6.54 -15.53 -27.21
N GLY B 106 7.83 -15.77 -27.26
CA GLY B 106 8.68 -14.85 -27.98
C GLY B 106 10.11 -15.29 -28.12
N VAL B 107 10.93 -14.37 -28.62
CA VAL B 107 12.34 -14.60 -28.91
C VAL B 107 13.15 -13.87 -27.84
N ARG B 108 14.34 -14.40 -27.53
CA ARG B 108 15.23 -13.68 -26.60
C ARG B 108 16.66 -13.74 -27.05
N TYR B 109 17.38 -12.69 -26.69
CA TYR B 109 18.81 -12.63 -26.93
C TYR B 109 19.46 -12.27 -25.59
N ASN B 110 20.39 -13.10 -25.14
CA ASN B 110 20.97 -12.94 -23.78
C ASN B 110 22.46 -12.75 -23.79
N PHE B 111 22.92 -11.72 -23.08
CA PHE B 111 24.34 -11.54 -22.83
C PHE B 111 24.70 -12.06 -21.41
N PHE B 112 25.18 -13.31 -21.35
CA PHE B 112 25.80 -13.90 -20.14
C PHE B 112 27.26 -13.57 -19.86
N SER B 113 27.56 -13.03 -18.69
CA SER B 113 28.97 -12.96 -18.29
C SER B 113 29.24 -13.17 -16.79
N GLY B 114 30.37 -13.81 -16.49
CA GLY B 114 30.77 -14.06 -15.11
C GLY B 114 32.17 -14.62 -14.97
N GLY B 115 32.48 -15.11 -13.79
CA GLY B 115 33.84 -15.59 -13.50
C GLY B 115 34.24 -15.22 -12.10
N TYR B 116 35.54 -15.25 -11.80
CA TYR B 116 36.00 -14.94 -10.45
C TYR B 116 37.17 -13.99 -10.48
N THR B 117 37.27 -13.13 -9.46
CA THR B 117 38.49 -12.39 -9.23
C THR B 117 39.22 -13.00 -8.05
N ASP B 118 40.43 -12.50 -7.86
CA ASP B 118 41.34 -13.01 -6.87
C ASP B 118 41.76 -11.87 -5.95
N PRO B 119 40.93 -11.56 -4.94
CA PRO B 119 41.12 -10.36 -4.14
C PRO B 119 42.34 -10.59 -3.29
N GLU B 120 42.90 -11.79 -3.47
CA GLU B 120 44.14 -12.19 -2.83
C GLU B 120 43.80 -12.75 -1.46
N ASP B 121 44.67 -13.60 -0.93
CA ASP B 121 45.94 -13.95 -1.55
C ASP B 121 45.79 -15.17 -2.46
N ASN B 122 46.64 -15.26 -3.49
CA ASN B 122 47.22 -16.54 -3.91
C ASN B 122 46.99 -17.12 -5.29
N LEU B 123 46.61 -16.31 -6.26
CA LEU B 123 46.40 -16.88 -7.58
C LEU B 123 47.13 -15.97 -8.54
N THR B 124 48.36 -16.31 -8.89
CA THR B 124 49.31 -15.26 -9.19
C THR B 124 48.67 -14.06 -8.44
N ILE B 125 48.12 -13.10 -9.18
CA ILE B 125 46.93 -12.33 -8.77
C ILE B 125 46.29 -11.93 -10.10
N LYS B 126 44.95 -11.90 -10.20
CA LYS B 126 44.34 -11.61 -11.49
C LYS B 126 42.81 -11.75 -11.55
N ALA B 127 42.29 -11.96 -12.76
CA ALA B 127 40.84 -12.09 -12.99
C ALA B 127 40.52 -13.03 -14.17
N GLN B 128 39.43 -13.76 -14.08
CA GLN B 128 39.09 -14.74 -15.09
C GLN B 128 37.60 -14.56 -15.51
N THR B 129 37.35 -14.23 -16.78
CA THR B 129 35.97 -14.01 -17.25
C THR B 129 35.44 -14.93 -18.35
N ILE B 130 34.21 -15.41 -18.20
CA ILE B 130 33.53 -16.20 -19.20
C ILE B 130 32.30 -15.41 -19.73
N SER B 131 32.03 -15.53 -21.04
CA SER B 131 30.97 -14.82 -21.74
C SER B 131 30.29 -15.75 -22.72
N SER B 132 28.98 -15.64 -22.83
CA SER B 132 28.24 -16.34 -23.86
C SER B 132 27.10 -15.45 -24.25
N ASN B 133 27.00 -15.17 -25.55
CA ASN B 133 25.80 -14.53 -26.08
C ASN B 133 24.88 -15.57 -26.74
N GLN B 134 23.61 -15.59 -26.35
CA GLN B 134 22.74 -16.68 -26.77
C GLN B 134 21.39 -16.22 -27.31
N LEU B 135 20.91 -16.93 -28.35
CA LEU B 135 19.53 -16.79 -28.85
C LEU B 135 18.56 -17.73 -28.12
N GLY B 136 17.30 -17.31 -27.96
CA GLY B 136 16.39 -18.10 -27.16
C GLY B 136 14.93 -17.98 -27.50
N LEU B 137 14.16 -18.89 -26.92
CA LEU B 137 12.74 -19.08 -27.17
C LEU B 137 12.07 -19.14 -25.80
N GLY B 138 10.85 -18.65 -25.67
CA GLY B 138 10.18 -18.68 -24.38
C GLY B 138 8.66 -18.52 -24.49
N LEU B 139 7.97 -18.93 -23.42
CA LEU B 139 6.53 -18.71 -23.27
C LEU B 139 6.22 -18.38 -21.80
N GLY B 140 5.01 -17.93 -21.53
CA GLY B 140 4.66 -17.49 -20.18
C GLY B 140 3.25 -16.92 -20.18
N VAL B 141 2.79 -16.45 -19.03
CA VAL B 141 1.54 -15.70 -18.97
C VAL B 141 1.76 -14.40 -18.23
N ARG B 142 1.12 -13.35 -18.71
CA ARG B 142 1.25 -12.02 -18.14
C ARG B 142 -0.12 -11.63 -17.64
N ALA B 143 -0.19 -11.15 -16.42
CA ALA B 143 -1.46 -10.78 -15.81
C ALA B 143 -1.47 -9.31 -15.41
N ALA B 144 -2.46 -8.57 -15.89
CA ALA B 144 -2.57 -7.17 -15.56
C ALA B 144 -3.85 -6.91 -14.80
N TYR B 145 -3.78 -6.09 -13.74
CA TYR B 145 -4.94 -5.77 -12.94
C TYR B 145 -4.92 -4.27 -12.70
N PRO B 146 -6.02 -3.56 -13.04
CA PRO B 146 -6.05 -2.07 -12.96
C PRO B 146 -6.20 -1.55 -11.57
N LEU B 147 -5.54 -0.45 -11.28
CA LEU B 147 -5.27 -0.11 -9.90
C LEU B 147 -5.59 1.34 -9.60
N MET B 148 -4.98 2.26 -10.33
CA MET B 148 -5.33 3.67 -10.28
C MET B 148 -5.44 4.10 -11.73
N PRO B 149 -5.83 5.35 -11.98
CA PRO B 149 -5.85 5.74 -13.40
C PRO B 149 -4.48 5.60 -14.02
N ASN B 150 -4.41 4.95 -15.19
CA ASN B 150 -3.16 4.81 -15.96
C ASN B 150 -2.11 3.96 -15.27
N LEU B 151 -2.53 3.24 -14.23
CA LEU B 151 -1.63 2.37 -13.53
C LEU B 151 -2.27 1.01 -13.27
N SER B 152 -1.67 -0.04 -13.83
CA SER B 152 -2.05 -1.41 -13.48
C SER B 152 -0.87 -2.22 -12.94
N LEU B 153 -1.19 -3.28 -12.22
CA LEU B 153 -0.27 -4.21 -11.60
C LEU B 153 -0.03 -5.40 -12.51
N VAL B 154 1.22 -5.71 -12.78
CA VAL B 154 1.51 -6.78 -13.70
C VAL B 154 2.18 -7.93 -12.97
N GLY B 155 1.89 -9.15 -13.37
CA GLY B 155 2.50 -10.32 -12.82
C GLY B 155 2.92 -11.14 -14.00
N ASP B 156 4.08 -11.74 -13.91
CA ASP B 156 4.55 -12.43 -15.08
C ASP B 156 5.29 -13.69 -14.69
N LEU B 157 4.85 -14.77 -15.30
CA LEU B 157 5.40 -16.09 -15.06
C LEU B 157 5.71 -16.71 -16.41
N GLY B 158 6.96 -17.06 -16.63
CA GLY B 158 7.26 -17.83 -17.81
C GLY B 158 8.50 -18.67 -17.69
N VAL B 159 8.77 -19.41 -18.77
CA VAL B 159 9.98 -20.22 -18.87
C VAL B 159 10.66 -19.96 -20.22
N ASP B 160 11.98 -19.75 -20.24
CA ASP B 160 12.73 -19.58 -21.51
C ASP B 160 13.70 -20.71 -21.68
N TYR B 161 14.03 -21.00 -22.92
CA TYR B 161 15.09 -21.91 -23.30
C TYR B 161 16.16 -21.23 -24.16
N TYR B 162 17.42 -21.42 -23.80
CA TYR B 162 18.51 -20.81 -24.55
C TYR B 162 19.38 -21.85 -25.21
N PHE B 163 19.66 -21.64 -26.48
CA PHE B 163 20.51 -22.54 -27.25
C PHE B 163 21.98 -22.29 -26.92
N GLN B 164 22.78 -23.37 -26.97
CA GLN B 164 24.21 -23.32 -26.66
C GLN B 164 24.92 -22.48 -27.67
N ALA B 165 25.88 -21.70 -27.18
CA ALA B 165 26.70 -20.86 -28.03
C ALA B 165 28.18 -20.97 -27.67
N CYS B 166 29.01 -20.26 -28.42
CA CYS B 166 30.40 -20.08 -28.06
C CYS B 166 30.52 -19.54 -26.65
N PHE B 167 31.61 -19.92 -25.97
CA PHE B 167 32.03 -19.35 -24.69
C PHE B 167 33.33 -18.59 -24.91
N THR B 168 33.41 -17.35 -24.49
CA THR B 168 34.66 -16.62 -24.61
C THR B 168 35.27 -16.37 -23.23
N ARG B 169 36.53 -16.77 -23.08
CA ARG B 169 37.26 -16.52 -21.85
C ARG B 169 38.29 -15.40 -21.99
N VAL B 170 38.22 -14.42 -21.12
CA VAL B 170 39.32 -13.47 -20.99
C VAL B 170 40.06 -13.65 -19.66
N GLU B 171 41.34 -13.96 -19.76
CA GLU B 171 42.20 -14.11 -18.59
C GLU B 171 42.97 -12.82 -18.36
N GLU B 172 43.22 -12.50 -17.10
CA GLU B 172 43.98 -11.29 -16.83
C GLU B 172 45.19 -11.53 -15.95
N ASP B 173 46.29 -10.84 -16.25
CA ASP B 173 47.54 -10.92 -15.48
C ASP B 173 47.51 -9.90 -14.35
N ASP B 174 48.32 -10.13 -13.33
CA ASP B 174 48.63 -9.10 -12.35
C ASP B 174 49.05 -7.79 -13.00
N SER B 175 49.93 -7.91 -13.99
CA SER B 175 50.43 -6.77 -14.77
C SER B 175 49.31 -6.15 -15.61
N GLY B 176 48.18 -6.83 -15.69
CA GLY B 176 47.01 -6.26 -16.34
C GLY B 176 46.77 -6.68 -17.79
N ASN B 177 47.64 -7.55 -18.29
CA ASN B 177 47.53 -8.11 -19.63
C ASN B 177 46.34 -9.04 -19.78
N LYS B 178 45.55 -8.79 -20.82
CA LYS B 178 44.45 -9.68 -21.16
C LYS B 178 44.86 -10.65 -22.26
N SER B 179 44.37 -11.88 -22.19
CA SER B 179 44.48 -12.82 -23.29
C SER B 179 43.09 -13.43 -23.47
N GLN B 180 42.81 -13.91 -24.68
CA GLN B 180 41.46 -14.38 -25.01
C GLN B 180 41.43 -15.76 -25.70
N SER B 181 40.51 -16.62 -25.29
CA SER B 181 40.35 -17.92 -25.93
C SER B 181 38.87 -18.11 -26.08
N SER B 182 38.46 -19.14 -26.82
CA SER B 182 37.05 -19.52 -26.89
C SER B 182 36.90 -20.99 -27.24
N VAL B 183 35.70 -21.49 -27.09
CA VAL B 183 35.39 -22.84 -27.47
C VAL B 183 33.95 -22.79 -27.99
N CYS B 184 33.61 -23.55 -29.01
CA CYS B 184 32.27 -23.48 -29.61
C CYS B 184 31.62 -24.86 -29.65
N PRO B 185 30.32 -24.90 -29.73
CA PRO B 185 29.74 -26.25 -29.90
C PRO B 185 30.08 -26.75 -31.29
N GLY B 186 30.49 -27.99 -31.53
CA GLY B 186 31.03 -28.91 -30.58
C GLY B 186 32.52 -29.11 -30.90
N ASP B 187 33.30 -28.14 -30.45
CA ASP B 187 34.74 -28.27 -30.38
C ASP B 187 35.05 -29.32 -29.32
N SER B 188 36.34 -29.65 -29.19
CA SER B 188 36.73 -30.77 -28.41
C SER B 188 36.36 -30.57 -26.93
N GLY B 189 36.78 -29.46 -26.33
CA GLY B 189 36.54 -29.35 -24.90
C GLY B 189 35.17 -28.82 -24.47
N TYR B 190 34.20 -28.84 -25.38
CA TYR B 190 33.00 -28.01 -25.21
C TYR B 190 32.05 -28.50 -24.14
N GLU B 191 31.75 -29.79 -24.20
CA GLU B 191 30.88 -30.42 -23.24
C GLU B 191 31.38 -30.27 -21.82
N ASP B 192 32.68 -30.15 -21.62
CA ASP B 192 33.17 -30.00 -20.25
C ASP B 192 33.00 -28.56 -19.73
N VAL B 193 33.40 -27.58 -20.54
CA VAL B 193 33.17 -26.18 -20.23
C VAL B 193 31.65 -25.97 -19.98
N ASN B 194 30.81 -26.61 -20.78
CA ASN B 194 29.37 -26.39 -20.65
C ASN B 194 28.76 -26.91 -19.36
N LYS B 195 29.32 -28.00 -18.82
CA LYS B 195 28.95 -28.62 -17.56
C LYS B 195 29.35 -27.75 -16.38
N PHE B 196 30.56 -27.22 -16.45
CA PHE B 196 31.07 -26.33 -15.42
C PHE B 196 30.38 -24.95 -15.46
N VAL B 197 30.36 -24.30 -16.61
CA VAL B 197 29.85 -22.94 -16.67
C VAL B 197 28.32 -22.95 -16.65
N THR B 198 27.75 -22.07 -15.87
CA THR B 198 26.29 -22.06 -15.68
C THR B 198 25.64 -20.90 -16.42
N GLN B 199 25.70 -20.93 -17.74
CA GLN B 199 25.08 -19.87 -18.52
C GLN B 199 23.63 -20.28 -18.75
N PRO B 200 22.82 -19.40 -19.34
CA PRO B 200 21.42 -19.80 -19.43
C PRO B 200 21.15 -21.04 -20.30
N GLU B 201 20.30 -21.92 -19.77
CA GLU B 201 19.72 -23.02 -20.53
C GLU B 201 18.17 -23.01 -20.42
N TRP B 202 17.61 -23.70 -19.43
CA TRP B 202 16.23 -23.44 -19.00
C TRP B 202 16.24 -22.34 -17.95
N VAL B 203 15.44 -21.30 -18.15
CA VAL B 203 15.34 -20.27 -17.13
C VAL B 203 13.86 -20.16 -16.74
N LEU B 204 13.61 -20.00 -15.45
CA LEU B 204 12.29 -19.77 -14.90
C LEU B 204 12.16 -18.28 -14.62
N LYS B 205 11.02 -17.70 -15.01
CA LYS B 205 10.85 -16.28 -14.83
C LYS B 205 9.64 -16.00 -13.96
N LEU B 206 9.88 -15.28 -12.86
CA LEU B 206 8.80 -14.83 -11.98
C LEU B 206 8.96 -13.38 -11.57
N ARG B 207 8.06 -12.50 -12.03
CA ARG B 207 8.23 -11.09 -11.70
C ARG B 207 6.91 -10.38 -11.32
N LEU B 208 7.00 -9.41 -10.41
CA LEU B 208 5.88 -8.53 -10.12
C LEU B 208 6.31 -7.15 -10.49
N GLY B 209 5.36 -6.35 -10.97
CA GLY B 209 5.63 -5.02 -11.45
C GLY B 209 4.39 -4.19 -11.71
N ALA B 210 4.59 -3.02 -12.29
CA ALA B 210 3.49 -2.11 -12.62
C ALA B 210 3.65 -1.61 -14.03
N ALA B 211 2.55 -1.44 -14.75
CA ALA B 211 2.62 -0.79 -16.05
C ALA B 211 1.94 0.56 -15.99
N TYR B 212 2.49 1.52 -16.70
CA TYR B 212 1.97 2.89 -16.77
C TYR B 212 1.64 3.29 -18.23
N ARG B 213 0.42 3.73 -18.49
CA ARG B 213 0.11 4.11 -19.86
C ARG B 213 0.58 5.53 -20.18
N PHE B 214 1.26 5.70 -21.32
CA PHE B 214 1.90 6.97 -21.68
C PHE B 214 1.62 7.34 -23.13
N ALA C 9 -14.97 4.62 -13.58
CA ALA C 9 -14.35 4.57 -12.25
C ALA C 9 -13.74 5.91 -11.79
N LYS C 10 -14.54 6.98 -11.83
CA LYS C 10 -14.10 8.38 -11.61
C LYS C 10 -13.12 8.70 -10.44
N PHE C 11 -12.00 9.35 -10.79
CA PHE C 11 -11.03 9.89 -9.83
C PHE C 11 -10.90 11.42 -9.97
N SER C 12 -10.79 12.14 -8.86
CA SER C 12 -10.63 13.60 -8.89
C SER C 12 -9.58 14.07 -7.90
N VAL C 13 -9.04 15.25 -8.15
CA VAL C 13 -8.17 15.91 -7.20
C VAL C 13 -8.96 17.13 -6.71
N GLU C 14 -8.95 17.35 -5.39
CA GLU C 14 -9.81 18.35 -4.77
C GLU C 14 -8.97 19.24 -3.88
N ALA C 15 -9.16 20.55 -3.99
CA ALA C 15 -8.52 21.53 -3.13
C ALA C 15 -9.59 22.36 -2.49
N GLY C 16 -9.54 22.47 -1.17
CA GLY C 16 -10.55 23.21 -0.43
C GLY C 16 -9.88 24.12 0.56
N ALA C 17 -10.60 25.14 1.00
CA ALA C 17 -10.03 26.14 1.87
C ALA C 17 -11.12 26.65 2.79
N GLY C 18 -10.75 26.93 4.03
CA GLY C 18 -11.74 27.33 5.01
C GLY C 18 -11.27 26.99 6.40
N PHE C 19 -12.22 26.61 7.24
CA PHE C 19 -12.02 26.49 8.66
C PHE C 19 -11.85 25.04 9.06
N TYR C 20 -10.83 24.78 9.84
CA TYR C 20 -10.61 23.49 10.48
C TYR C 20 -9.96 23.77 11.83
N GLY C 21 -10.74 24.21 12.80
CA GLY C 21 -10.21 24.63 14.09
C GLY C 21 -9.41 25.93 14.04
N GLY C 22 -9.38 26.53 12.87
CA GLY C 22 -8.51 27.65 12.55
C GLY C 22 -8.47 27.65 11.03
N PHE C 23 -7.71 28.53 10.41
CA PHE C 23 -7.80 28.62 8.96
C PHE C 23 -6.70 27.93 8.17
N GLY C 24 -7.08 27.38 7.03
CA GLY C 24 -6.14 26.66 6.19
C GLY C 24 -6.83 26.06 4.98
N GLY C 25 -6.44 24.83 4.65
CA GLY C 25 -7.01 24.14 3.52
C GLY C 25 -6.62 22.68 3.51
N GLN C 26 -7.05 21.98 2.46
CA GLN C 26 -6.79 20.56 2.32
C GLN C 26 -6.61 20.27 0.84
N LEU C 27 -5.69 19.36 0.52
CA LEU C 27 -5.65 18.74 -0.79
C LEU C 27 -6.13 17.32 -0.66
N ALA C 28 -6.81 16.84 -1.69
CA ALA C 28 -7.46 15.56 -1.58
C ALA C 28 -7.50 14.81 -2.89
N VAL C 29 -7.78 13.53 -2.79
CA VAL C 29 -8.03 12.69 -3.92
C VAL C 29 -9.41 12.08 -3.65
N VAL C 30 -10.25 12.04 -4.66
CA VAL C 30 -11.56 11.45 -4.49
C VAL C 30 -11.70 10.36 -5.50
N ALA C 31 -12.26 9.24 -5.09
CA ALA C 31 -12.54 8.16 -6.00
C ALA C 31 -14.01 7.85 -5.85
N GLU C 32 -14.74 7.83 -6.96
CA GLU C 32 -16.18 7.56 -6.92
C GLU C 32 -16.52 6.32 -7.76
N ASP C 33 -17.76 5.87 -7.67
CA ASP C 33 -18.20 4.80 -8.57
C ASP C 33 -17.14 3.72 -8.72
N LEU C 34 -16.79 3.05 -7.62
CA LEU C 34 -15.73 2.02 -7.66
C LEU C 34 -16.22 0.66 -8.15
N ALA C 35 -17.51 0.57 -8.44
CA ALA C 35 -18.10 -0.67 -8.90
C ALA C 35 -19.59 -0.43 -9.13
N PRO C 36 -20.19 -1.22 -10.02
CA PRO C 36 -21.56 -0.97 -10.48
C PRO C 36 -22.61 -0.99 -9.36
N GLY C 37 -22.44 -1.91 -8.40
CA GLY C 37 -23.40 -2.07 -7.32
C GLY C 37 -23.35 -1.03 -6.20
N LEU C 38 -22.17 -0.86 -5.59
CA LEU C 38 -22.00 -0.07 -4.36
C LEU C 38 -21.76 1.43 -4.52
N PRO C 39 -22.51 2.23 -3.75
CA PRO C 39 -22.60 3.70 -3.76
C PRO C 39 -21.57 4.38 -2.86
N LEU C 40 -20.45 3.74 -2.59
CA LEU C 40 -19.49 4.38 -1.72
C LEU C 40 -18.44 5.01 -2.55
N GLY C 41 -17.90 6.12 -2.07
CA GLY C 41 -16.77 6.74 -2.70
C GLY C 41 -15.77 6.94 -1.59
N VAL C 42 -14.61 7.48 -1.92
CA VAL C 42 -13.57 7.60 -0.94
C VAL C 42 -12.87 8.92 -1.15
N ARG C 43 -12.57 9.61 -0.06
CA ARG C 43 -11.74 10.80 -0.13
C ARG C 43 -10.51 10.63 0.74
N LEU C 44 -9.34 10.86 0.14
CA LEU C 44 -8.07 10.81 0.86
C LEU C 44 -7.52 12.20 0.85
N GLY C 45 -7.13 12.71 2.00
CA GLY C 45 -6.80 14.11 2.09
C GLY C 45 -5.68 14.46 3.04
N VAL C 46 -5.00 15.56 2.74
CA VAL C 46 -3.99 16.09 3.63
C VAL C 46 -4.31 17.57 3.83
N GLY C 47 -4.45 17.98 5.09
CA GLY C 47 -4.82 19.35 5.40
C GLY C 47 -3.83 20.06 6.28
N PHE C 48 -3.73 21.37 6.10
CA PHE C 48 -2.93 22.20 6.99
C PHE C 48 -3.77 23.39 7.47
N ALA C 49 -3.72 23.68 8.77
CA ALA C 49 -4.46 24.83 9.31
C ALA C 49 -3.75 25.51 10.45
N THR C 50 -3.88 26.82 10.47
CA THR C 50 -3.38 27.64 11.57
C THR C 50 -4.10 27.23 12.84
N SER C 51 -3.49 27.46 13.99
CA SER C 51 -4.06 27.00 15.23
C SER C 51 -3.64 27.77 16.47
N ASP C 52 -4.25 27.40 17.57
CA ASP C 52 -4.10 28.06 18.85
C ASP C 52 -3.35 27.08 19.77
N ALA C 53 -2.28 27.52 20.42
CA ALA C 53 -1.41 26.54 21.08
C ALA C 53 -1.66 26.40 22.57
N LEU C 54 -1.78 27.55 23.23
CA LEU C 54 -2.00 27.61 24.65
C LEU C 54 -3.21 28.52 24.94
N ASP C 55 -4.12 28.02 25.75
CA ASP C 55 -5.27 28.78 26.19
C ASP C 55 -4.95 30.12 26.89
N ASP C 56 -5.09 31.24 26.18
CA ASP C 56 -4.97 32.54 26.85
C ASP C 56 -6.06 32.61 27.92
N GLY C 57 -5.70 32.84 29.17
CA GLY C 57 -6.71 32.78 30.19
C GLY C 57 -6.97 31.38 30.71
N TYR C 58 -5.92 30.56 30.68
CA TYR C 58 -5.76 29.45 31.61
C TYR C 58 -5.14 30.12 32.82
N ASP C 59 -5.73 29.89 33.99
CA ASP C 59 -5.25 30.53 35.20
C ASP C 59 -3.97 29.85 35.73
N LEU C 60 -2.84 30.56 35.72
CA LEU C 60 -1.58 29.97 36.18
C LEU C 60 -1.38 30.22 37.67
N GLY C 61 -1.82 31.39 38.12
CA GLY C 61 -1.70 31.78 39.51
C GLY C 61 -1.39 33.26 39.65
N GLY C 62 -2.10 33.94 40.53
CA GLY C 62 -3.20 33.35 41.26
C GLY C 62 -4.49 33.64 40.53
N GLY C 63 -4.48 34.71 39.73
CA GLY C 63 -5.56 34.99 38.82
C GLY C 63 -5.00 35.50 37.51
N THR C 64 -3.68 35.47 37.38
CA THR C 64 -3.03 35.96 36.18
C THR C 64 -2.94 34.83 35.18
N THR C 65 -3.36 35.13 33.96
CA THR C 65 -3.56 34.10 32.96
C THR C 65 -2.48 34.17 31.90
N TRP C 66 -2.39 33.14 31.07
CA TRP C 66 -1.37 33.11 30.03
C TRP C 66 -1.57 34.32 29.09
N GLY C 67 -2.81 34.79 28.95
CA GLY C 67 -3.04 36.03 28.25
C GLY C 67 -2.32 37.21 28.91
N ASP C 68 -2.42 37.31 30.24
CA ASP C 68 -1.74 38.37 30.99
C ASP C 68 -0.24 38.29 30.82
N VAL C 69 0.30 37.09 31.01
CA VAL C 69 1.73 36.83 30.97
C VAL C 69 2.35 37.05 29.60
N LYS C 70 1.61 36.73 28.54
CA LYS C 70 2.16 36.80 27.19
C LYS C 70 2.37 38.25 26.66
N GLU C 71 1.55 39.19 27.11
CA GLU C 71 1.81 40.60 26.78
C GLU C 71 3.04 41.07 27.54
N ALA C 72 3.04 40.75 28.82
CA ALA C 72 4.10 41.14 29.73
C ALA C 72 5.48 40.63 29.32
N GLY C 73 5.56 39.88 28.23
CA GLY C 73 6.83 39.35 27.78
C GLY C 73 6.98 39.41 26.27
N LYS C 74 5.97 40.00 25.63
CA LYS C 74 5.90 40.11 24.18
C LYS C 74 6.05 38.77 23.47
N PHE C 75 5.66 37.68 24.14
CA PHE C 75 5.80 36.32 23.60
C PHE C 75 5.06 36.08 22.30
N SER C 76 5.73 35.40 21.37
CA SER C 76 5.18 35.18 20.05
C SER C 76 4.61 33.76 19.92
N GLU C 77 3.29 33.64 20.05
CA GLU C 77 2.62 32.34 20.09
C GLU C 77 2.22 31.83 18.69
N TRP C 78 2.48 30.57 18.40
CA TRP C 78 2.15 29.99 17.08
C TRP C 78 1.51 28.59 17.21
N GLY C 79 0.85 28.13 16.17
CA GLY C 79 0.19 26.83 16.23
C GLY C 79 -0.23 26.28 14.90
N GLN C 80 -0.02 24.98 14.70
CA GLN C 80 -0.50 24.35 13.48
C GLN C 80 -1.07 22.95 13.70
N ASN C 81 -1.73 22.47 12.64
CA ASN C 81 -2.31 21.14 12.57
C ASN C 81 -2.21 20.59 11.17
N VAL C 82 -1.44 19.53 11.01
CA VAL C 82 -1.37 18.81 9.76
C VAL C 82 -2.21 17.56 9.92
N THR C 83 -3.26 17.47 9.13
CA THR C 83 -4.29 16.46 9.32
C THR C 83 -4.31 15.46 8.20
N LEU C 84 -4.33 14.19 8.57
CA LEU C 84 -4.40 13.12 7.60
C LEU C 84 -5.81 12.60 7.64
N SER C 85 -6.45 12.52 6.50
CA SER C 85 -7.89 12.30 6.53
C SER C 85 -8.40 11.29 5.51
N LEU C 86 -9.30 10.43 5.95
CA LEU C 86 -9.91 9.47 5.05
C LEU C 86 -11.40 9.41 5.28
N ASP C 87 -12.16 9.65 4.23
CA ASP C 87 -13.62 9.70 4.32
C ASP C 87 -14.22 8.66 3.39
N VAL C 88 -15.27 8.01 3.87
CA VAL C 88 -16.12 7.16 3.03
C VAL C 88 -17.43 7.90 2.70
N LEU C 89 -17.63 8.25 1.42
CA LEU C 89 -18.80 9.06 1.01
C LEU C 89 -19.88 8.13 0.54
N TYR C 90 -21.05 8.23 1.16
CA TYR C 90 -22.18 7.43 0.72
C TYR C 90 -22.95 8.21 -0.33
N LYS C 91 -22.95 7.72 -1.57
CA LYS C 91 -23.65 8.39 -2.68
C LYS C 91 -24.91 7.64 -3.03
N PRO C 92 -26.02 8.04 -2.40
CA PRO C 92 -27.36 7.49 -2.66
C PRO C 92 -27.68 7.52 -4.16
N LEU C 97 -30.77 14.72 -10.11
CA LEU C 97 -30.36 15.84 -9.27
C LEU C 97 -28.91 16.26 -9.54
N PRO C 98 -28.79 17.46 -10.12
CA PRO C 98 -27.52 18.05 -10.58
C PRO C 98 -26.54 18.27 -9.45
N VAL C 99 -27.03 18.37 -8.20
CA VAL C 99 -26.12 18.66 -7.09
C VAL C 99 -25.95 17.45 -6.20
N GLU C 100 -24.77 16.82 -6.25
CA GLU C 100 -24.50 15.63 -5.42
C GLU C 100 -24.29 16.03 -3.96
N VAL C 101 -25.00 15.36 -3.06
CA VAL C 101 -24.88 15.64 -1.64
C VAL C 101 -24.58 14.35 -0.85
N ALA C 102 -23.32 14.14 -0.51
CA ALA C 102 -22.93 12.90 0.15
C ALA C 102 -22.54 13.05 1.64
N PRO C 103 -23.35 12.45 2.54
CA PRO C 103 -22.89 12.25 3.92
C PRO C 103 -21.62 11.37 3.90
N TYR C 104 -20.72 11.61 4.83
CA TYR C 104 -19.55 10.75 4.90
C TYR C 104 -19.10 10.53 6.34
N PHE C 105 -18.29 9.51 6.58
CA PHE C 105 -17.71 9.30 7.89
C PHE C 105 -16.30 8.80 7.63
N GLY C 106 -15.41 8.98 8.59
CA GLY C 106 -14.07 8.50 8.38
C GLY C 106 -13.18 8.67 9.58
N VAL C 107 -11.92 8.31 9.38
CA VAL C 107 -10.89 8.34 10.39
C VAL C 107 -9.88 9.45 10.05
N ARG C 108 -9.17 9.98 11.05
CA ARG C 108 -8.19 11.05 10.86
C ARG C 108 -7.00 10.76 11.74
N TYR C 109 -5.86 11.29 11.34
CA TYR C 109 -4.66 11.33 12.16
C TYR C 109 -4.09 12.73 12.08
N ASN C 110 -3.92 13.36 13.23
CA ASN C 110 -3.48 14.74 13.26
C ASN C 110 -2.14 14.96 13.93
N PHE C 111 -1.33 15.79 13.28
CA PHE C 111 -0.11 16.29 13.90
C PHE C 111 -0.31 17.69 14.42
N PHE C 112 -0.53 17.83 15.72
CA PHE C 112 -0.54 19.15 16.37
C PHE C 112 0.83 19.56 16.91
N SER C 113 1.23 20.78 16.61
CA SER C 113 2.38 21.37 17.28
C SER C 113 2.20 22.87 17.38
N GLY C 114 2.78 23.45 18.42
CA GLY C 114 2.66 24.88 18.66
C GLY C 114 3.58 25.29 19.79
N GLY C 115 3.22 26.35 20.50
CA GLY C 115 4.05 26.90 21.56
C GLY C 115 4.33 28.37 21.38
N TYR C 116 5.38 28.86 22.04
CA TYR C 116 5.79 30.27 21.92
C TYR C 116 7.31 30.44 21.80
N THR C 117 7.73 31.44 21.03
CA THR C 117 9.13 31.79 20.95
C THR C 117 9.34 33.17 21.52
N ASP C 118 10.60 33.55 21.58
CA ASP C 118 10.99 34.75 22.28
C ASP C 118 11.84 35.67 21.41
N PRO C 119 11.28 36.85 21.05
CA PRO C 119 11.98 37.81 20.21
C PRO C 119 12.67 38.84 21.09
N GLU C 120 12.49 38.66 22.41
CA GLU C 120 13.03 39.53 23.46
C GLU C 120 11.97 40.59 23.85
N ASP C 121 11.95 41.00 25.12
CA ASP C 121 13.09 40.87 26.05
C ASP C 121 13.27 39.54 26.86
N ASN C 122 13.18 39.65 28.19
CA ASN C 122 13.56 38.55 29.09
C ASN C 122 13.04 37.24 28.59
N LEU C 123 13.62 36.12 29.03
CA LEU C 123 13.16 34.77 28.66
C LEU C 123 14.31 33.77 28.61
N THR C 124 15.43 34.12 29.25
CA THR C 124 16.71 33.46 28.95
C THR C 124 16.92 33.35 27.42
N ILE C 125 16.14 34.13 26.68
CA ILE C 125 16.25 34.29 25.22
C ILE C 125 16.09 32.98 24.42
N LYS C 126 14.87 32.42 24.34
CA LYS C 126 14.70 31.10 23.74
C LYS C 126 13.29 30.74 23.18
N ALA C 127 13.03 29.46 22.98
CA ALA C 127 11.75 29.01 22.37
C ALA C 127 11.16 27.75 23.01
N GLN C 128 9.83 27.68 23.05
CA GLN C 128 9.16 26.48 23.53
C GLN C 128 8.15 25.89 22.53
N THR C 129 8.15 24.56 22.43
CA THR C 129 7.28 23.85 21.48
C THR C 129 6.56 22.68 22.15
N ILE C 130 5.24 22.58 21.95
CA ILE C 130 4.49 21.40 22.39
C ILE C 130 3.96 20.68 21.15
N SER C 131 3.96 19.34 21.18
CA SER C 131 3.32 18.58 20.11
C SER C 131 2.52 17.39 20.62
N SER C 132 1.50 16.99 19.86
CA SER C 132 0.64 15.85 20.19
C SER C 132 0.13 15.24 18.91
N ASN C 133 0.30 13.92 18.76
CA ASN C 133 -0.22 13.21 17.59
C ASN C 133 -1.45 12.38 17.97
N GLN C 134 -2.53 12.51 17.21
CA GLN C 134 -3.79 11.99 17.72
C GLN C 134 -4.62 11.33 16.64
N LEU C 135 -5.30 10.26 17.03
CA LEU C 135 -6.32 9.63 16.21
C LEU C 135 -7.68 10.33 16.36
N GLY C 136 -8.36 10.57 15.24
CA GLY C 136 -9.68 11.18 15.30
C GLY C 136 -10.69 10.40 14.50
N LEU C 137 -11.95 10.66 14.76
CA LEU C 137 -13.04 10.14 13.93
C LEU C 137 -13.93 11.32 13.55
N GLY C 138 -14.59 11.21 12.40
CA GLY C 138 -15.48 12.26 11.99
C GLY C 138 -16.61 11.88 11.07
N LEU C 139 -17.60 12.76 10.98
CA LEU C 139 -18.57 12.67 9.92
C LEU C 139 -18.79 14.05 9.33
N GLY C 140 -19.60 14.16 8.30
CA GLY C 140 -19.75 15.42 7.62
C GLY C 140 -20.68 15.27 6.43
N VAL C 141 -20.90 16.38 5.72
CA VAL C 141 -21.64 16.36 4.46
C VAL C 141 -20.84 17.03 3.35
N ARG C 142 -20.67 16.32 2.24
CA ARG C 142 -19.99 16.87 1.08
C ARG C 142 -21.01 17.20 -0.02
N ALA C 143 -20.97 18.42 -0.53
CA ALA C 143 -21.93 18.85 -1.56
C ALA C 143 -21.17 19.27 -2.77
N ALA C 144 -21.38 18.60 -3.89
CA ALA C 144 -20.64 18.97 -5.09
C ALA C 144 -21.56 19.45 -6.21
N TYR C 145 -21.25 20.59 -6.81
CA TYR C 145 -21.96 20.95 -8.06
C TYR C 145 -21.16 21.28 -9.34
N PRO C 146 -21.50 20.58 -10.42
CA PRO C 146 -21.05 20.70 -11.81
C PRO C 146 -20.93 22.14 -12.26
N LEU C 147 -19.72 22.57 -12.60
CA LEU C 147 -19.57 23.87 -13.24
C LEU C 147 -19.30 23.64 -14.75
N MET C 148 -18.11 23.16 -15.07
CA MET C 148 -17.82 22.62 -16.39
C MET C 148 -17.89 21.10 -16.31
N PRO C 149 -17.70 20.40 -17.43
CA PRO C 149 -17.52 18.96 -17.25
C PRO C 149 -16.11 18.74 -16.72
N ASN C 150 -15.94 17.85 -15.75
CA ASN C 150 -14.63 17.64 -15.13
C ASN C 150 -14.26 18.70 -14.08
N LEU C 151 -15.14 19.66 -13.83
CA LEU C 151 -14.91 20.68 -12.79
C LEU C 151 -16.14 20.89 -11.89
N SER C 152 -15.93 20.87 -10.57
CA SER C 152 -17.03 20.89 -9.61
C SER C 152 -16.74 21.86 -8.47
N LEU C 153 -17.72 22.66 -8.11
CA LEU C 153 -17.66 23.42 -6.87
C LEU C 153 -18.00 22.44 -5.75
N VAL C 154 -17.22 22.50 -4.67
CA VAL C 154 -17.40 21.56 -3.58
C VAL C 154 -17.55 22.33 -2.29
N GLY C 155 -18.56 21.95 -1.52
CA GLY C 155 -18.80 22.49 -0.19
C GLY C 155 -18.80 21.36 0.84
N ASP C 156 -18.18 21.60 1.97
CA ASP C 156 -17.98 20.54 2.93
C ASP C 156 -18.18 21.11 4.31
N LEU C 157 -19.11 20.53 5.06
CA LEU C 157 -19.21 20.75 6.51
C LEU C 157 -19.01 19.44 7.26
N GLY C 158 -18.09 19.42 8.22
CA GLY C 158 -17.86 18.24 9.02
C GLY C 158 -17.55 18.51 10.47
N VAL C 159 -17.75 17.50 11.30
CA VAL C 159 -17.33 17.54 12.72
C VAL C 159 -16.38 16.39 13.04
N ASP C 160 -15.26 16.65 13.67
CA ASP C 160 -14.28 15.59 14.02
C ASP C 160 -14.04 15.50 15.52
N TYR C 161 -13.81 14.30 16.03
CA TYR C 161 -13.36 14.17 17.43
C TYR C 161 -11.97 13.56 17.54
N TYR C 162 -11.07 14.24 18.23
CA TYR C 162 -9.75 13.61 18.51
C TYR C 162 -9.56 13.09 19.91
N PHE C 163 -9.23 11.81 20.01
CA PHE C 163 -8.78 11.25 21.30
C PHE C 163 -7.49 11.87 21.83
N GLN C 164 -7.45 12.11 23.14
CA GLN C 164 -6.23 12.61 23.77
C GLN C 164 -5.13 11.56 23.73
N ALA C 165 -3.90 12.07 23.70
CA ALA C 165 -2.71 11.31 23.44
C ALA C 165 -1.57 11.99 24.19
N CYS C 166 -0.38 11.40 24.13
CA CYS C 166 0.81 11.98 24.75
C CYS C 166 1.09 13.37 24.23
N PHE C 167 1.64 14.22 25.11
CA PHE C 167 2.23 15.51 24.76
C PHE C 167 3.75 15.48 24.90
N THR C 168 4.46 15.86 23.85
CA THR C 168 5.90 16.00 23.84
C THR C 168 6.36 17.47 23.81
N ARG C 169 7.07 17.90 24.85
CA ARG C 169 7.54 19.30 24.97
C ARG C 169 9.02 19.45 24.67
N VAL C 170 9.35 20.46 23.89
CA VAL C 170 10.76 20.78 23.61
C VAL C 170 11.13 22.23 23.95
N GLU C 171 12.06 22.37 24.89
CA GLU C 171 12.56 23.68 25.30
C GLU C 171 13.85 24.00 24.57
N GLU C 172 14.10 25.26 24.26
CA GLU C 172 15.37 25.65 23.64
C GLU C 172 16.18 26.64 24.50
N ASP C 173 17.51 26.49 24.46
CA ASP C 173 18.47 27.35 25.16
C ASP C 173 18.90 28.52 24.31
N ASP C 174 19.43 29.56 24.96
CA ASP C 174 20.06 30.69 24.26
C ASP C 174 21.24 30.20 23.41
N SER C 175 22.03 29.28 23.97
CA SER C 175 23.12 28.64 23.24
C SER C 175 22.63 27.64 22.17
N GLY C 176 21.33 27.35 22.18
CA GLY C 176 20.75 26.45 21.19
C GLY C 176 20.34 25.08 21.74
N ASN C 177 20.83 24.75 22.93
CA ASN C 177 20.61 23.43 23.54
C ASN C 177 19.16 23.06 23.81
N LYS C 178 18.71 21.99 23.14
CA LYS C 178 17.36 21.48 23.27
C LYS C 178 17.25 20.39 24.32
N SER C 179 16.15 20.43 25.07
CA SER C 179 15.78 19.34 25.96
C SER C 179 14.31 18.87 25.71
N GLN C 180 14.02 17.61 26.01
CA GLN C 180 12.72 17.03 25.68
C GLN C 180 12.10 16.27 26.85
N SER C 181 10.80 16.39 26.98
CA SER C 181 10.06 15.72 28.05
C SER C 181 8.67 15.41 27.51
N SER C 182 7.93 14.57 28.21
CA SER C 182 6.63 14.24 27.69
C SER C 182 5.73 13.78 28.79
N VAL C 183 4.45 13.68 28.49
CA VAL C 183 3.53 13.22 29.48
C VAL C 183 2.38 12.52 28.74
N CYS C 184 1.81 11.48 29.35
CA CYS C 184 0.81 10.65 28.71
C CYS C 184 -0.40 10.49 29.60
N PRO C 185 -1.56 10.22 29.01
CA PRO C 185 -2.69 9.79 29.84
C PRO C 185 -2.25 8.58 30.66
N GLY C 186 -2.55 8.42 31.95
CA GLY C 186 -2.88 9.46 32.88
C GLY C 186 -1.68 9.47 33.79
N ASP C 187 -0.64 10.13 33.32
CA ASP C 187 0.53 10.40 34.11
C ASP C 187 0.15 11.51 35.07
N SER C 188 0.96 11.70 36.11
CA SER C 188 0.62 12.63 37.16
C SER C 188 0.27 14.03 36.62
N GLY C 189 1.14 14.61 35.82
CA GLY C 189 0.83 15.96 35.37
C GLY C 189 -0.22 16.14 34.24
N TYR C 190 -0.90 15.06 33.84
CA TYR C 190 -1.58 15.08 32.56
C TYR C 190 -2.74 16.06 32.46
N GLU C 191 -3.75 15.90 33.29
CA GLU C 191 -4.95 16.78 33.26
C GLU C 191 -4.67 18.28 33.14
N ASP C 192 -3.65 18.78 33.83
CA ASP C 192 -3.30 20.19 33.74
C ASP C 192 -2.77 20.56 32.37
N VAL C 193 -1.78 19.83 31.89
CA VAL C 193 -1.21 20.07 30.58
C VAL C 193 -2.32 20.04 29.54
N ASN C 194 -3.23 19.09 29.70
CA ASN C 194 -4.33 18.94 28.78
C ASN C 194 -5.31 20.11 28.77
N LYS C 195 -5.59 20.67 29.96
CA LYS C 195 -6.42 21.87 30.09
C LYS C 195 -5.73 23.05 29.44
N PHE C 196 -4.46 23.18 29.69
CA PHE C 196 -3.74 24.37 29.28
C PHE C 196 -3.52 24.33 27.76
N VAL C 197 -3.02 23.21 27.24
CA VAL C 197 -2.68 23.09 25.81
C VAL C 197 -3.95 22.88 25.01
N THR C 198 -4.09 23.63 23.93
CA THR C 198 -5.32 23.52 23.14
C THR C 198 -5.09 22.69 21.87
N GLN C 199 -4.78 21.40 22.03
CA GLN C 199 -4.67 20.55 20.87
C GLN C 199 -6.09 20.09 20.50
N PRO C 200 -6.27 19.61 19.26
CA PRO C 200 -7.62 19.17 18.87
C PRO C 200 -8.32 18.24 19.87
N GLU C 201 -9.60 18.56 20.06
CA GLU C 201 -10.55 17.68 20.69
C GLU C 201 -11.78 17.59 19.77
N TRP C 202 -12.75 18.50 19.89
CA TRP C 202 -13.84 18.67 18.91
C TRP C 202 -13.45 19.70 17.89
N VAL C 203 -13.46 19.35 16.62
CA VAL C 203 -13.07 20.27 15.53
C VAL C 203 -14.24 20.46 14.58
N LEU C 204 -14.56 21.72 14.28
CA LEU C 204 -15.52 22.07 13.25
C LEU C 204 -14.81 22.23 11.91
N LYS C 205 -15.37 21.66 10.84
CA LYS C 205 -14.81 21.83 9.49
C LYS C 205 -15.77 22.57 8.55
N LEU C 206 -15.30 23.64 7.92
CA LEU C 206 -16.08 24.29 6.85
C LEU C 206 -15.18 24.67 5.71
N ARG C 207 -15.35 24.03 4.56
CA ARG C 207 -14.46 24.30 3.43
C ARG C 207 -15.18 24.44 2.10
N LEU C 208 -14.65 25.32 1.24
CA LEU C 208 -15.14 25.55 -0.11
C LEU C 208 -13.98 25.29 -0.99
N GLY C 209 -14.20 24.68 -2.13
CA GLY C 209 -13.10 24.39 -3.03
C GLY C 209 -13.58 23.81 -4.34
N ALA C 210 -12.66 23.27 -5.14
CA ALA C 210 -12.99 22.77 -6.47
C ALA C 210 -12.47 21.35 -6.67
N ALA C 211 -13.17 20.55 -7.45
CA ALA C 211 -12.65 19.24 -7.79
C ALA C 211 -12.57 18.99 -9.33
N TYR C 212 -11.33 18.86 -9.82
CA TYR C 212 -11.01 18.56 -11.21
C TYR C 212 -10.93 17.05 -11.41
N ARG C 213 -11.65 16.54 -12.41
CA ARG C 213 -11.55 15.13 -12.78
C ARG C 213 -10.31 14.85 -13.64
N PHE C 214 -9.70 13.69 -13.42
CA PHE C 214 -8.45 13.34 -14.08
C PHE C 214 -8.37 11.83 -14.34
#